data_4NHL
#
_entry.id   4NHL
#
_cell.length_a   168.216
_cell.length_b   67.251
_cell.length_c   70.976
_cell.angle_alpha   90.000
_cell.angle_beta   105.080
_cell.angle_gamma   90.000
#
_symmetry.space_group_name_H-M   'C 1 2 1'
#
loop_
_entity.id
_entity.type
_entity.pdbx_description
1 polymer 'PKHD-type hydroxylase TPA1'
2 non-polymer 'MANGANESE (II) ION'
3 non-polymer N-OXALYLGLYCINE
4 water water
#
_entity_poly.entity_id   1
_entity_poly.type   'polypeptide(L)'
_entity_poly.pdbx_seq_one_letter_code
;MHHHHHHSSGVDLGTENLYFQSMLEEDKIKGMFNPKIWDKTFQDGLKKEIEDSQPYNWGTIHELVNDDLLRAVRKEIETE
IHFTKKETDIYRVNQSGDLANLSGLDWDDLSRLPNLFKLRQILYSKQYRDFFGYVTKAGKLSGSKTDMSINTYTKGCHLL
THDDVIGSRRISFILYLPDPDRKWKSHYGGGLRLFPSILPNVPHSDPSAKLVPQFNQIAFFKVLPGFSFHDVEEVKVDKH
RLSIQGWYHIPQVGEEGYIPGEEEAWVRNNTSTLAQIESNVLEDFEFPKDERNILSFHEVKHFEKMLKGDAGAKTDNTPK
ESMTSVISDSVKLSEAEFTYLSQYISPEHLSSKGIEKLQKQFVENSSLQIESFLNDDKSELLKKVIKQKELEQECPYHSK
DVKAPWKTAIPPHKARYLYIDGKEYRNFQTEADILEALNNNDLPNFQFTKDAIKIISDASGNSRENNFDAELALIDLAVF
HKSTIFKKYLALLTSLCPVSEQILIRRFRPGMDFTLATKCRFNELLKSNPDIIDAVLEGTLCLTPSAGWESGELGGYELY
MMDDDEDNKQYLKEDVEDASVYRADDSGDSVLINDPPAWNTFNLVLRDESVLEFVKYVSWSAKSSRWDVKMKWDVKSCDE
DGQEDEA
;
_entity_poly.pdbx_strand_id   A
#
# COMPACT_ATOMS: atom_id res chain seq x y z
N GLU A 26 18.09 -41.64 0.00
CA GLU A 26 19.32 -41.02 0.49
C GLU A 26 20.43 -41.06 -0.56
N ASP A 27 20.18 -41.79 -1.65
CA ASP A 27 21.13 -41.89 -2.75
C ASP A 27 20.58 -41.16 -3.99
N LYS A 28 19.29 -41.35 -4.23
CA LYS A 28 18.64 -40.84 -5.44
C LYS A 28 18.22 -39.38 -5.28
N ILE A 29 18.54 -38.77 -4.14
CA ILE A 29 18.16 -37.39 -3.85
C ILE A 29 18.83 -36.39 -4.79
N LYS A 30 20.16 -36.35 -4.75
CA LYS A 30 20.95 -35.52 -5.66
C LYS A 30 20.55 -35.66 -7.14
N GLY A 31 20.11 -36.86 -7.53
CA GLY A 31 19.72 -37.11 -8.91
C GLY A 31 18.39 -36.51 -9.32
N MET A 32 17.63 -36.06 -8.32
CA MET A 32 16.34 -35.41 -8.55
C MET A 32 16.54 -33.90 -8.75
N PHE A 33 17.81 -33.48 -8.73
CA PHE A 33 18.17 -32.10 -9.06
C PHE A 33 18.92 -32.02 -10.38
N ASN A 34 19.04 -30.81 -10.91
CA ASN A 34 19.88 -30.55 -12.05
C ASN A 34 21.29 -30.85 -11.63
N PRO A 35 21.99 -31.75 -12.32
CA PRO A 35 23.29 -32.18 -11.78
C PRO A 35 24.29 -31.04 -11.61
N LYS A 36 24.06 -29.92 -12.30
CA LYS A 36 24.95 -28.77 -12.24
C LYS A 36 25.13 -28.17 -10.85
N ILE A 37 24.19 -28.41 -9.95
CA ILE A 37 24.27 -27.74 -8.64
C ILE A 37 25.19 -28.48 -7.69
N TRP A 38 25.77 -29.59 -8.13
CA TRP A 38 26.69 -30.38 -7.32
C TRP A 38 28.12 -30.12 -7.80
N ASP A 39 28.22 -29.54 -8.99
CA ASP A 39 29.47 -29.07 -9.59
C ASP A 39 30.15 -27.99 -8.74
N LYS A 40 31.36 -28.23 -8.22
CA LYS A 40 32.07 -27.22 -7.42
C LYS A 40 32.23 -25.89 -8.20
N THR A 41 32.50 -25.97 -9.51
CA THR A 41 32.66 -24.78 -10.30
C THR A 41 31.33 -24.01 -10.38
N PHE A 42 30.23 -24.72 -10.57
CA PHE A 42 28.93 -24.06 -10.59
C PHE A 42 28.63 -23.37 -9.27
N GLN A 43 28.94 -24.08 -8.18
CA GLN A 43 28.63 -23.63 -6.83
C GLN A 43 29.37 -22.35 -6.53
N ASP A 44 30.70 -22.41 -6.56
CA ASP A 44 31.55 -21.27 -6.28
C ASP A 44 31.25 -20.06 -7.20
N GLY A 45 30.73 -20.30 -8.39
CA GLY A 45 30.45 -19.22 -9.31
C GLY A 45 29.17 -18.51 -8.92
N LEU A 46 28.26 -19.26 -8.31
CA LEU A 46 26.94 -18.78 -7.98
C LEU A 46 27.05 -18.03 -6.67
N LYS A 47 27.82 -18.59 -5.75
CA LYS A 47 28.11 -17.93 -4.50
C LYS A 47 28.54 -16.50 -4.74
N LYS A 48 29.48 -16.29 -5.67
CA LYS A 48 30.00 -14.93 -5.90
C LYS A 48 28.87 -14.10 -6.53
N GLU A 49 28.15 -14.69 -7.47
CA GLU A 49 27.06 -13.99 -8.13
C GLU A 49 26.06 -13.43 -7.11
N ILE A 50 25.93 -14.09 -5.97
CA ILE A 50 25.00 -13.72 -4.92
C ILE A 50 25.62 -12.67 -4.02
N GLU A 51 26.89 -12.85 -3.71
CA GLU A 51 27.67 -11.90 -2.93
C GLU A 51 27.56 -10.49 -3.51
N ASP A 52 27.70 -10.42 -4.83
CA ASP A 52 27.83 -9.16 -5.55
C ASP A 52 26.51 -8.70 -6.16
N SER A 53 25.41 -9.35 -5.80
CA SER A 53 24.13 -8.98 -6.39
C SER A 53 23.56 -7.67 -5.80
N GLN A 54 22.58 -7.10 -6.51
CA GLN A 54 21.93 -5.85 -6.13
C GLN A 54 20.43 -6.07 -6.13
N PRO A 55 19.68 -5.27 -5.37
CA PRO A 55 20.07 -4.24 -4.40
C PRO A 55 20.37 -4.79 -2.99
N TYR A 56 20.15 -6.08 -2.81
CA TYR A 56 20.59 -6.80 -1.61
C TYR A 56 20.86 -8.26 -2.03
N ASN A 57 21.51 -9.06 -1.20
CA ASN A 57 21.96 -10.39 -1.64
C ASN A 57 20.81 -11.36 -1.94
N TRP A 58 20.63 -11.65 -3.23
CA TRP A 58 19.65 -12.63 -3.74
C TRP A 58 20.23 -13.40 -4.92
N GLY A 59 19.45 -14.31 -5.48
CA GLY A 59 19.90 -15.14 -6.57
C GLY A 59 18.77 -15.96 -7.19
N THR A 60 19.08 -16.59 -8.31
CA THR A 60 18.11 -17.40 -9.02
C THR A 60 18.81 -18.53 -9.76
N ILE A 61 18.09 -19.64 -9.86
CA ILE A 61 18.62 -20.82 -10.53
C ILE A 61 17.54 -21.25 -11.49
N HIS A 62 17.94 -21.52 -12.75
CA HIS A 62 17.00 -22.04 -13.73
C HIS A 62 17.08 -23.54 -13.75
N GLU A 63 15.93 -24.17 -13.98
CA GLU A 63 15.81 -25.60 -14.18
C GLU A 63 16.34 -26.38 -12.99
N LEU A 64 15.84 -26.03 -11.81
CA LEU A 64 16.37 -26.54 -10.55
C LEU A 64 16.19 -28.05 -10.43
N VAL A 65 14.96 -28.50 -10.70
CA VAL A 65 14.52 -29.84 -10.31
C VAL A 65 14.32 -30.77 -11.50
N ASN A 66 14.37 -32.07 -11.25
CA ASN A 66 13.98 -33.06 -12.25
C ASN A 66 12.67 -32.66 -12.89
N ASP A 67 12.72 -32.31 -14.17
CA ASP A 67 11.55 -31.82 -14.91
C ASP A 67 10.30 -32.73 -14.82
N ASP A 68 10.47 -34.05 -14.83
CA ASP A 68 9.29 -34.93 -14.82
C ASP A 68 8.68 -34.94 -13.43
N LEU A 69 9.48 -34.58 -12.44
CA LEU A 69 8.96 -34.49 -11.09
C LEU A 69 8.14 -33.21 -10.89
N LEU A 70 8.73 -32.07 -11.22
CA LEU A 70 8.04 -30.84 -11.02
C LEU A 70 6.80 -30.84 -11.93
N ARG A 71 6.87 -31.60 -13.02
CA ARG A 71 5.70 -31.73 -13.88
C ARG A 71 4.63 -32.56 -13.19
N ALA A 72 5.07 -33.63 -12.52
CA ALA A 72 4.18 -34.44 -11.72
C ALA A 72 3.56 -33.62 -10.59
N VAL A 73 4.37 -32.81 -9.91
CA VAL A 73 3.91 -31.94 -8.82
C VAL A 73 2.84 -30.93 -9.29
N ARG A 74 3.05 -30.32 -10.45
CA ARG A 74 2.09 -29.32 -10.90
C ARG A 74 0.78 -29.97 -11.31
N LYS A 75 0.85 -31.18 -11.84
CA LYS A 75 -0.35 -31.89 -12.20
C LYS A 75 -1.03 -32.30 -10.89
N GLU A 76 -0.28 -32.43 -9.81
CA GLU A 76 -0.91 -32.79 -8.55
C GLU A 76 -1.67 -31.60 -7.99
N ILE A 77 -0.99 -30.47 -7.90
CA ILE A 77 -1.56 -29.27 -7.34
C ILE A 77 -2.83 -28.91 -8.07
N GLU A 78 -2.84 -29.08 -9.39
CA GLU A 78 -4.01 -28.75 -10.19
C GLU A 78 -5.19 -29.68 -9.90
N THR A 79 -4.87 -30.96 -9.80
CA THR A 79 -5.84 -32.00 -9.50
C THR A 79 -6.41 -31.91 -8.06
N GLU A 80 -5.53 -31.86 -7.06
CA GLU A 80 -5.94 -32.09 -5.67
C GLU A 80 -6.22 -30.85 -4.84
N ILE A 81 -5.53 -29.75 -5.11
CA ILE A 81 -5.58 -28.59 -4.23
C ILE A 81 -6.65 -27.58 -4.63
N HIS A 82 -7.25 -26.98 -3.62
CA HIS A 82 -8.41 -26.09 -3.76
C HIS A 82 -8.06 -24.69 -3.28
N PHE A 83 -7.78 -23.81 -4.24
CA PHE A 83 -7.40 -22.43 -3.97
C PHE A 83 -8.61 -21.56 -3.67
N THR A 84 -8.42 -20.63 -2.73
CA THR A 84 -9.46 -19.74 -2.23
C THR A 84 -8.95 -18.31 -2.21
N LYS A 85 -9.53 -17.44 -3.03
CA LYS A 85 -9.17 -16.01 -2.98
C LYS A 85 -9.25 -15.43 -1.56
N LYS A 86 -8.23 -14.68 -1.18
CA LYS A 86 -8.23 -13.93 0.04
C LYS A 86 -7.68 -12.53 -0.27
N GLU A 87 -8.43 -11.48 0.10
CA GLU A 87 -7.93 -10.12 -0.06
C GLU A 87 -7.77 -9.54 1.32
N THR A 88 -6.66 -8.86 1.51
CA THR A 88 -6.41 -8.08 2.71
C THR A 88 -5.90 -6.74 2.20
N ASP A 89 -5.41 -5.89 3.08
CA ASP A 89 -4.91 -4.60 2.64
C ASP A 89 -3.67 -4.80 1.79
N ILE A 90 -2.83 -5.74 2.21
CA ILE A 90 -1.50 -5.88 1.61
C ILE A 90 -1.45 -6.86 0.42
N TYR A 91 -2.47 -7.69 0.23
CA TYR A 91 -2.45 -8.63 -0.88
C TYR A 91 -3.84 -9.01 -1.38
N ARG A 92 -3.89 -9.55 -2.58
CA ARG A 92 -4.97 -10.43 -3.00
C ARG A 92 -4.31 -11.61 -3.64
N VAL A 93 -4.56 -12.80 -3.09
CA VAL A 93 -3.91 -14.02 -3.55
C VAL A 93 -4.83 -15.18 -3.39
N ASN A 94 -4.72 -16.12 -4.32
CA ASN A 94 -5.45 -17.36 -4.22
C ASN A 94 -4.70 -18.33 -3.32
N GLN A 95 -5.26 -18.62 -2.15
CA GLN A 95 -4.54 -19.37 -1.13
C GLN A 95 -5.03 -20.79 -0.96
N SER A 96 -4.12 -21.65 -0.54
CA SER A 96 -4.46 -23.03 -0.15
C SER A 96 -4.12 -23.28 1.32
N GLY A 97 -3.62 -22.25 2.00
CA GLY A 97 -3.04 -22.39 3.31
C GLY A 97 -3.92 -22.18 4.54
N ASP A 98 -5.08 -21.56 4.36
CA ASP A 98 -5.99 -21.36 5.49
C ASP A 98 -6.46 -22.69 6.05
N LEU A 99 -5.79 -23.16 7.10
CA LEU A 99 -6.26 -24.32 7.85
C LEU A 99 -7.36 -23.83 8.80
N ALA A 100 -8.27 -24.72 9.17
CA ALA A 100 -9.56 -24.36 9.83
C ALA A 100 -10.56 -23.80 8.80
N ASN A 101 -10.12 -23.66 7.56
CA ASN A 101 -11.01 -23.84 6.42
C ASN A 101 -10.75 -25.29 5.99
N LEU A 102 -11.80 -25.98 5.58
CA LEU A 102 -11.70 -27.39 5.22
C LEU A 102 -10.74 -27.63 4.05
N SER A 103 -10.87 -26.78 3.04
CA SER A 103 -10.03 -26.77 1.86
C SER A 103 -8.54 -26.57 2.19
N GLY A 104 -8.28 -26.00 3.37
CA GLY A 104 -6.93 -25.82 3.87
C GLY A 104 -6.06 -27.04 3.66
N LEU A 105 -4.92 -26.84 3.01
CA LEU A 105 -3.95 -27.89 2.70
C LEU A 105 -3.26 -28.38 3.97
N ASP A 106 -3.28 -29.70 4.20
CA ASP A 106 -2.59 -30.28 5.35
C ASP A 106 -1.24 -30.84 4.93
N TRP A 107 -0.19 -30.17 5.39
CA TRP A 107 1.17 -30.62 5.14
C TRP A 107 1.50 -31.85 5.96
N ASP A 108 0.65 -32.20 6.92
CA ASP A 108 0.84 -33.43 7.72
C ASP A 108 0.22 -34.63 7.02
N ASP A 109 -0.54 -34.36 5.96
CA ASP A 109 -1.21 -35.39 5.18
C ASP A 109 -1.08 -35.07 3.69
N LEU A 110 -0.13 -35.70 3.03
CA LEU A 110 0.10 -35.50 1.60
C LEU A 110 -0.12 -36.79 0.83
N SER A 111 -1.04 -37.61 1.33
CA SER A 111 -1.23 -38.96 0.84
C SER A 111 -1.30 -38.99 -0.68
N ARG A 112 -1.93 -37.96 -1.21
CA ARG A 112 -2.31 -37.91 -2.61
C ARG A 112 -1.42 -36.97 -3.40
N LEU A 113 -0.34 -36.50 -2.77
CA LEU A 113 0.62 -35.63 -3.44
C LEU A 113 2.03 -36.20 -3.22
N PRO A 114 2.21 -37.49 -3.53
CA PRO A 114 3.49 -38.17 -3.39
C PRO A 114 4.67 -37.40 -3.99
N ASN A 115 4.47 -36.75 -5.13
CA ASN A 115 5.52 -35.97 -5.76
C ASN A 115 5.77 -34.64 -5.01
N LEU A 116 4.73 -34.07 -4.41
CA LEU A 116 4.94 -32.87 -3.60
C LEU A 116 5.71 -33.22 -2.33
N PHE A 117 5.30 -34.30 -1.67
CA PHE A 117 6.03 -34.85 -0.53
C PHE A 117 7.49 -35.09 -0.89
N LYS A 118 7.71 -35.64 -2.08
CA LYS A 118 9.04 -35.97 -2.55
C LYS A 118 9.84 -34.68 -2.85
N LEU A 119 9.14 -33.64 -3.28
CA LEU A 119 9.77 -32.36 -3.54
C LEU A 119 10.25 -31.73 -2.23
N ARG A 120 9.41 -31.78 -1.20
CA ARG A 120 9.73 -31.10 0.04
C ARG A 120 10.90 -31.82 0.63
N GLN A 121 10.82 -33.13 0.60
CA GLN A 121 11.89 -33.98 1.12
C GLN A 121 13.25 -33.54 0.57
N ILE A 122 13.33 -33.28 -0.74
CA ILE A 122 14.63 -33.03 -1.35
C ILE A 122 15.05 -31.57 -1.18
N LEU A 123 14.11 -30.62 -1.20
CA LEU A 123 14.48 -29.23 -0.92
C LEU A 123 15.03 -29.05 0.50
N TYR A 124 14.64 -29.93 1.43
CA TYR A 124 15.11 -29.83 2.82
C TYR A 124 16.14 -30.90 3.18
N SER A 125 16.52 -31.69 2.18
CA SER A 125 17.58 -32.68 2.35
C SER A 125 18.88 -32.02 2.83
N LYS A 126 19.73 -32.80 3.48
CA LYS A 126 21.00 -32.26 3.95
C LYS A 126 21.90 -31.97 2.75
N GLN A 127 21.76 -32.79 1.72
CA GLN A 127 22.49 -32.59 0.48
C GLN A 127 22.23 -31.18 -0.10
N TYR A 128 20.96 -30.83 -0.22
CA TYR A 128 20.58 -29.56 -0.83
C TYR A 128 20.84 -28.38 0.11
N ARG A 129 20.56 -28.58 1.39
CA ARG A 129 20.77 -27.52 2.37
C ARG A 129 22.25 -27.13 2.45
N ASP A 130 23.15 -28.11 2.32
CA ASP A 130 24.59 -27.84 2.37
C ASP A 130 25.00 -27.01 1.16
N PHE A 131 24.46 -27.38 0.01
CA PHE A 131 24.64 -26.59 -1.17
C PHE A 131 24.05 -25.18 -0.97
N PHE A 132 22.75 -25.14 -0.74
CA PHE A 132 22.02 -23.89 -0.70
C PHE A 132 22.50 -22.93 0.38
N GLY A 133 22.91 -23.46 1.52
CA GLY A 133 23.51 -22.63 2.55
C GLY A 133 24.87 -22.07 2.13
N TYR A 134 25.65 -22.89 1.44
CA TYR A 134 26.97 -22.47 1.04
C TYR A 134 26.90 -21.26 0.12
N VAL A 135 26.10 -21.35 -0.95
CA VAL A 135 26.08 -20.29 -1.94
C VAL A 135 25.51 -18.99 -1.38
N THR A 136 24.63 -19.11 -0.38
CA THR A 136 23.98 -17.92 0.21
C THR A 136 24.63 -17.41 1.50
N LYS A 137 25.73 -18.04 1.94
CA LYS A 137 26.48 -17.57 3.11
C LYS A 137 25.54 -17.34 4.29
N ALA A 138 24.54 -18.21 4.41
CA ALA A 138 23.48 -18.07 5.40
C ALA A 138 23.76 -18.85 6.69
N GLY A 139 24.80 -19.65 6.70
CA GLY A 139 25.05 -20.53 7.82
C GLY A 139 24.14 -21.73 7.81
N LYS A 140 23.83 -22.24 9.00
CA LYS A 140 23.10 -23.50 9.12
C LYS A 140 21.62 -23.29 8.81
N LEU A 141 20.99 -24.32 8.28
CA LEU A 141 19.58 -24.20 7.92
C LEU A 141 18.85 -25.46 8.32
N SER A 142 17.76 -25.27 9.06
CA SER A 142 16.89 -26.33 9.50
C SER A 142 16.41 -27.22 8.36
N GLY A 143 16.49 -28.53 8.58
CA GLY A 143 15.83 -29.51 7.75
C GLY A 143 14.48 -29.97 8.32
N SER A 144 14.31 -29.88 9.64
CA SER A 144 13.07 -30.36 10.27
C SER A 144 11.98 -29.27 10.23
N LYS A 145 12.38 -28.00 10.25
CA LYS A 145 11.42 -26.92 10.18
C LYS A 145 11.03 -26.66 8.72
N THR A 146 10.25 -27.55 8.12
CA THR A 146 9.78 -27.31 6.76
C THR A 146 8.70 -26.21 6.79
N ASP A 147 8.70 -25.37 5.76
CA ASP A 147 7.83 -24.22 5.72
C ASP A 147 7.55 -23.84 4.27
N MET A 148 6.47 -24.38 3.71
CA MET A 148 6.14 -24.16 2.30
C MET A 148 4.67 -23.78 2.15
N SER A 149 4.36 -23.07 1.07
CA SER A 149 2.98 -22.73 0.76
C SER A 149 2.76 -22.66 -0.74
N ILE A 150 1.54 -22.95 -1.15
CA ILE A 150 1.21 -23.03 -2.56
C ILE A 150 0.19 -21.95 -2.85
N ASN A 151 0.54 -21.03 -3.75
CA ASN A 151 -0.36 -19.96 -4.16
C ASN A 151 -0.49 -19.87 -5.64
N THR A 152 -1.61 -19.32 -6.09
CA THR A 152 -1.73 -18.86 -7.47
C THR A 152 -2.09 -17.39 -7.42
N TYR A 153 -1.54 -16.64 -8.37
CA TYR A 153 -1.95 -15.26 -8.62
C TYR A 153 -2.63 -15.18 -9.99
N THR A 154 -3.87 -14.72 -10.01
CA THR A 154 -4.60 -14.53 -11.26
C THR A 154 -4.87 -13.04 -11.47
N LYS A 155 -5.57 -12.68 -12.54
CA LYS A 155 -5.84 -11.27 -12.85
C LYS A 155 -6.38 -10.46 -11.67
N GLY A 156 -5.57 -9.50 -11.23
CA GLY A 156 -5.89 -8.68 -10.09
C GLY A 156 -5.06 -9.02 -8.87
N CYS A 157 -4.68 -10.29 -8.77
CA CYS A 157 -3.89 -10.73 -7.64
C CYS A 157 -2.56 -10.00 -7.60
N HIS A 158 -2.01 -9.88 -6.41
CA HIS A 158 -0.90 -8.97 -6.16
C HIS A 158 -0.48 -9.07 -4.72
N LEU A 159 0.79 -8.78 -4.47
CA LEU A 159 1.27 -8.75 -3.09
C LEU A 159 2.19 -7.57 -2.89
N LEU A 160 1.78 -6.61 -2.07
CA LEU A 160 2.55 -5.39 -1.85
C LEU A 160 3.88 -5.57 -1.03
N THR A 161 4.65 -4.49 -0.89
CA THR A 161 6.03 -4.58 -0.43
C THR A 161 6.19 -5.01 1.03
N HIS A 162 7.15 -5.89 1.25
CA HIS A 162 7.46 -6.41 2.56
C HIS A 162 8.88 -7.02 2.59
N ASP A 163 9.45 -7.27 3.78
CA ASP A 163 10.77 -7.87 3.86
C ASP A 163 10.81 -9.34 4.34
N ASP A 164 9.65 -9.98 4.56
CA ASP A 164 9.59 -11.40 4.90
C ASP A 164 10.02 -11.71 6.35
N VAL A 165 10.50 -10.68 7.05
CA VAL A 165 11.02 -10.83 8.41
C VAL A 165 9.95 -11.31 9.38
N ILE A 166 9.96 -12.60 9.65
CA ILE A 166 8.99 -13.20 10.53
C ILE A 166 9.66 -14.35 11.25
N GLY A 167 9.62 -14.28 12.57
CA GLY A 167 10.12 -15.35 13.40
C GLY A 167 11.52 -15.78 13.08
N SER A 168 11.68 -17.04 12.73
CA SER A 168 13.00 -17.61 12.49
C SER A 168 13.33 -17.78 11.00
N ARG A 169 12.56 -17.20 10.09
CA ARG A 169 12.89 -17.27 8.66
C ARG A 169 14.30 -16.76 8.45
N ARG A 170 15.11 -17.52 7.69
CA ARG A 170 16.50 -17.15 7.47
C ARG A 170 16.77 -16.89 5.98
N ILE A 171 16.18 -17.75 5.16
CA ILE A 171 16.20 -17.62 3.70
C ILE A 171 14.87 -17.92 3.06
N SER A 172 14.46 -17.00 2.19
CA SER A 172 13.22 -17.16 1.45
CA SER A 172 13.22 -17.13 1.43
C SER A 172 13.52 -17.77 0.10
N PHE A 173 12.58 -18.56 -0.40
CA PHE A 173 12.73 -19.07 -1.74
C PHE A 173 11.35 -19.17 -2.38
N ILE A 174 11.30 -19.09 -3.70
CA ILE A 174 10.07 -19.25 -4.41
C ILE A 174 10.34 -20.09 -5.64
N LEU A 175 9.61 -21.18 -5.79
CA LEU A 175 9.77 -22.06 -6.92
C LEU A 175 8.54 -21.87 -7.82
N TYR A 176 8.77 -21.51 -9.08
CA TYR A 176 7.67 -21.17 -10.01
C TYR A 176 7.24 -22.35 -10.88
N LEU A 177 5.93 -22.55 -10.96
CA LEU A 177 5.33 -23.60 -11.76
C LEU A 177 4.18 -23.06 -12.64
N PRO A 178 4.43 -21.97 -13.37
CA PRO A 178 3.43 -21.66 -14.39
C PRO A 178 3.42 -22.74 -15.43
N ASP A 179 2.43 -22.76 -16.31
CA ASP A 179 2.38 -23.67 -17.45
C ASP A 179 3.78 -23.91 -17.97
N PRO A 180 4.25 -25.19 -17.95
CA PRO A 180 5.63 -25.51 -18.33
C PRO A 180 5.88 -25.48 -19.83
N ASP A 181 4.82 -25.47 -20.63
CA ASP A 181 4.97 -25.58 -22.08
C ASP A 181 4.74 -24.26 -22.78
N ARG A 182 4.61 -23.18 -22.01
CA ARG A 182 4.38 -21.84 -22.54
C ARG A 182 5.16 -20.84 -21.69
N LYS A 183 6.00 -20.02 -22.34
CA LYS A 183 6.80 -19.03 -21.61
C LYS A 183 5.91 -17.91 -21.04
N TRP A 184 6.10 -17.65 -19.73
CA TRP A 184 5.45 -16.54 -19.04
C TRP A 184 6.03 -15.24 -19.55
N LYS A 185 5.17 -14.27 -19.87
CA LYS A 185 5.59 -13.05 -20.57
C LYS A 185 5.57 -11.85 -19.63
N SER A 186 6.31 -10.80 -19.96
CA SER A 186 6.45 -9.66 -19.05
C SER A 186 5.15 -8.91 -18.88
N HIS A 187 4.44 -8.72 -19.98
CA HIS A 187 3.19 -8.00 -19.91
C HIS A 187 2.08 -8.77 -19.16
N TYR A 188 2.34 -10.01 -18.76
CA TYR A 188 1.37 -10.74 -17.95
C TYR A 188 1.26 -10.17 -16.55
N GLY A 189 2.27 -9.38 -16.16
CA GLY A 189 2.46 -8.99 -14.77
C GLY A 189 3.10 -10.16 -14.04
N GLY A 190 2.98 -10.17 -12.72
CA GLY A 190 3.32 -11.35 -11.95
C GLY A 190 4.78 -11.42 -11.65
N GLY A 191 5.46 -10.29 -11.74
CA GLY A 191 6.90 -10.26 -11.54
C GLY A 191 7.35 -10.05 -10.10
N LEU A 192 8.44 -10.72 -9.74
CA LEU A 192 9.11 -10.51 -8.48
C LEU A 192 9.93 -9.26 -8.56
N ARG A 193 9.56 -8.25 -7.79
CA ARG A 193 10.26 -6.97 -7.82
C ARG A 193 11.03 -6.77 -6.53
N LEU A 194 12.21 -6.18 -6.65
CA LEU A 194 13.11 -5.99 -5.51
C LEU A 194 13.40 -4.50 -5.29
N PHE A 195 13.28 -4.04 -4.04
CA PHE A 195 13.43 -2.61 -3.73
C PHE A 195 14.75 -2.29 -3.03
N PRO A 196 15.45 -1.24 -3.50
CA PRO A 196 16.74 -0.89 -2.93
C PRO A 196 16.58 0.02 -1.74
N SER A 197 17.67 0.18 -1.01
CA SER A 197 17.66 0.83 0.28
C SER A 197 18.18 2.25 0.14
N ILE A 198 17.29 3.24 0.27
CA ILE A 198 17.69 4.64 0.46
C ILE A 198 18.53 4.70 1.74
N LEU A 199 18.03 4.06 2.77
CA LEU A 199 18.83 3.78 3.96
C LEU A 199 18.06 2.68 4.73
N PRO A 200 18.66 2.12 5.78
CA PRO A 200 18.10 0.89 6.35
C PRO A 200 16.71 1.06 6.93
N ASN A 201 15.81 0.12 6.61
CA ASN A 201 14.36 0.22 6.89
C ASN A 201 13.66 1.33 6.11
N VAL A 202 14.30 1.77 5.02
CA VAL A 202 13.76 2.81 4.18
C VAL A 202 14.05 2.38 2.76
N PRO A 203 13.23 1.46 2.21
CA PRO A 203 13.41 1.09 0.81
C PRO A 203 12.82 2.14 -0.13
N HIS A 204 13.57 2.46 -1.18
CA HIS A 204 13.11 3.30 -2.26
C HIS A 204 11.74 2.86 -2.79
N SER A 205 10.89 3.84 -3.12
CA SER A 205 9.49 3.63 -3.47
C SER A 205 9.34 2.75 -4.72
N ASP A 206 10.36 2.79 -5.57
CA ASP A 206 10.33 2.19 -6.90
C ASP A 206 11.31 1.03 -7.05
N PRO A 207 10.85 -0.07 -7.64
CA PRO A 207 11.67 -1.29 -7.68
C PRO A 207 12.82 -1.15 -8.65
N SER A 208 13.96 -1.79 -8.38
CA SER A 208 15.13 -1.62 -9.22
C SER A 208 15.46 -2.91 -9.99
N ALA A 209 14.64 -3.94 -9.79
CA ALA A 209 14.83 -5.21 -10.50
C ALA A 209 13.52 -6.01 -10.52
N LYS A 210 13.20 -6.64 -11.67
CA LYS A 210 11.96 -7.39 -11.83
C LYS A 210 12.18 -8.71 -12.55
N LEU A 211 11.81 -9.80 -11.89
CA LEU A 211 12.09 -11.15 -12.37
C LEU A 211 10.84 -11.74 -12.96
N VAL A 212 10.87 -12.04 -14.26
CA VAL A 212 9.74 -12.65 -14.92
C VAL A 212 9.86 -14.17 -14.80
N PRO A 213 9.18 -14.77 -13.82
CA PRO A 213 9.38 -16.18 -13.47
C PRO A 213 9.00 -17.18 -14.56
N GLN A 214 9.78 -18.25 -14.69
CA GLN A 214 9.46 -19.35 -15.61
C GLN A 214 9.39 -20.65 -14.85
N PHE A 215 8.70 -21.63 -15.41
CA PHE A 215 8.59 -22.96 -14.78
C PHE A 215 9.97 -23.51 -14.39
N ASN A 216 10.06 -24.10 -13.21
CA ASN A 216 11.30 -24.71 -12.71
C ASN A 216 12.40 -23.68 -12.41
N GLN A 217 12.00 -22.41 -12.31
CA GLN A 217 12.90 -21.34 -11.83
C GLN A 217 12.70 -21.10 -10.33
N ILE A 218 13.77 -20.77 -9.64
CA ILE A 218 13.69 -20.51 -8.22
C ILE A 218 14.34 -19.16 -7.94
N ALA A 219 13.62 -18.33 -7.19
CA ALA A 219 14.14 -17.05 -6.75
C ALA A 219 14.37 -17.23 -5.28
N PHE A 220 15.40 -16.59 -4.74
CA PHE A 220 15.68 -16.73 -3.31
C PHE A 220 16.55 -15.61 -2.76
N PHE A 221 16.43 -15.40 -1.46
CA PHE A 221 17.28 -14.42 -0.79
C PHE A 221 17.33 -14.64 0.70
N LYS A 222 18.46 -14.23 1.27
CA LYS A 222 18.61 -14.16 2.71
C LYS A 222 17.64 -13.09 3.22
N VAL A 223 16.85 -13.47 4.22
CA VAL A 223 15.93 -12.55 4.90
C VAL A 223 16.69 -11.60 5.80
N LEU A 224 16.54 -10.31 5.53
CA LEU A 224 17.42 -9.31 6.10
C LEU A 224 16.64 -8.16 6.66
N PRO A 225 16.57 -8.04 7.99
CA PRO A 225 15.74 -7.00 8.62
C PRO A 225 16.06 -5.60 8.09
N GLY A 226 15.06 -4.94 7.51
CA GLY A 226 15.22 -3.62 6.92
C GLY A 226 15.77 -3.52 5.49
N PHE A 227 16.08 -4.65 4.85
CA PHE A 227 16.68 -4.63 3.51
C PHE A 227 15.94 -5.46 2.47
N SER A 228 15.57 -6.70 2.79
CA SER A 228 15.03 -7.60 1.77
C SER A 228 13.61 -7.27 1.29
N PHE A 229 13.33 -6.00 1.06
CA PHE A 229 12.00 -5.56 0.67
C PHE A 229 11.75 -5.97 -0.78
N HIS A 230 10.58 -6.57 -1.03
CA HIS A 230 10.24 -7.12 -2.35
C HIS A 230 8.75 -7.14 -2.50
N ASP A 231 8.22 -7.40 -3.69
CA ASP A 231 6.76 -7.54 -3.85
C ASP A 231 6.40 -8.42 -5.05
N VAL A 232 5.12 -8.60 -5.33
CA VAL A 232 4.71 -9.34 -6.51
C VAL A 232 3.78 -8.45 -7.34
N GLU A 233 4.32 -7.97 -8.44
CA GLU A 233 3.61 -7.12 -9.35
C GLU A 233 2.26 -7.74 -9.67
N GLU A 234 1.19 -6.93 -9.65
CA GLU A 234 -0.15 -7.38 -10.02
C GLU A 234 -0.05 -8.23 -11.28
N VAL A 235 -0.82 -9.32 -11.35
CA VAL A 235 -0.99 -10.06 -12.58
C VAL A 235 -2.06 -9.32 -13.42
N LYS A 236 -1.68 -8.90 -14.63
CA LYS A 236 -2.53 -8.01 -15.41
C LYS A 236 -3.45 -8.76 -16.39
N VAL A 237 -3.03 -9.90 -16.91
CA VAL A 237 -3.88 -10.67 -17.84
C VAL A 237 -4.57 -11.82 -17.13
N ASP A 238 -5.38 -12.58 -17.87
CA ASP A 238 -6.11 -13.68 -17.28
C ASP A 238 -5.35 -15.00 -17.47
N LYS A 239 -4.23 -15.12 -16.74
CA LYS A 239 -3.41 -16.32 -16.71
C LYS A 239 -3.28 -16.80 -15.27
N HIS A 240 -2.61 -17.94 -15.06
CA HIS A 240 -2.40 -18.52 -13.73
C HIS A 240 -0.93 -18.67 -13.33
N ARG A 241 -0.48 -17.77 -12.46
CA ARG A 241 0.88 -17.80 -11.94
C ARG A 241 0.92 -18.69 -10.69
N LEU A 242 1.32 -19.95 -10.86
CA LEU A 242 1.42 -20.90 -9.74
C LEU A 242 2.82 -20.91 -9.14
N SER A 243 2.92 -20.65 -7.84
CA SER A 243 4.21 -20.71 -7.15
C SER A 243 4.18 -21.58 -5.92
N ILE A 244 5.39 -22.01 -5.53
CA ILE A 244 5.63 -22.58 -4.22
C ILE A 244 6.64 -21.69 -3.50
N GLN A 245 6.12 -20.82 -2.65
CA GLN A 245 6.95 -20.00 -1.78
C GLN A 245 7.33 -20.89 -0.59
N GLY A 246 8.50 -20.66 -0.02
CA GLY A 246 8.91 -21.40 1.14
C GLY A 246 10.04 -20.70 1.84
N TRP A 247 10.46 -21.25 2.98
CA TRP A 247 11.56 -20.67 3.75
C TRP A 247 12.44 -21.70 4.35
N TYR A 248 13.72 -21.34 4.43
CA TYR A 248 14.63 -22.06 5.28
C TYR A 248 14.75 -21.29 6.61
N HIS A 249 14.77 -22.06 7.70
CA HIS A 249 14.76 -21.49 9.05
C HIS A 249 16.10 -21.70 9.74
N ILE A 250 16.35 -20.88 10.75
CA ILE A 250 17.34 -21.23 11.75
C ILE A 250 17.02 -22.66 12.28
N PRO A 251 18.07 -23.50 12.46
CA PRO A 251 17.89 -24.85 13.02
C PRO A 251 17.13 -24.88 14.35
N GLN A 252 16.53 -26.02 14.69
CA GLN A 252 16.11 -26.23 16.05
C GLN A 252 17.39 -26.29 16.91
N VAL A 253 17.27 -25.93 18.18
CA VAL A 253 18.39 -25.97 19.10
C VAL A 253 18.99 -27.39 19.15
N GLY A 254 20.24 -27.48 18.66
CA GLY A 254 20.97 -28.73 18.66
C GLY A 254 20.79 -29.52 17.38
N GLU A 255 19.91 -29.06 16.49
CA GLU A 255 19.69 -29.74 15.21
C GLU A 255 20.97 -29.76 14.40
N GLU A 256 21.37 -30.96 13.96
CA GLU A 256 22.63 -31.16 13.26
C GLU A 256 23.73 -30.28 13.86
N GLY A 257 23.74 -30.22 15.19
CA GLY A 257 24.80 -29.58 15.96
C GLY A 257 24.70 -28.08 16.13
N TYR A 258 23.56 -27.48 15.77
CA TYR A 258 23.44 -26.03 15.87
C TYR A 258 23.43 -25.58 17.33
N ILE A 259 24.17 -24.52 17.64
CA ILE A 259 24.06 -23.84 18.93
C ILE A 259 23.76 -22.38 18.70
N PRO A 260 22.76 -21.84 19.43
CA PRO A 260 22.40 -20.41 19.35
C PRO A 260 23.55 -19.43 19.68
N GLY A 261 23.79 -18.49 18.77
CA GLY A 261 24.73 -17.40 19.00
C GLY A 261 26.17 -17.78 18.75
N GLU A 262 26.36 -18.88 18.02
CA GLU A 262 27.68 -19.44 17.72
C GLU A 262 27.90 -19.49 16.21
N LEU A 282 11.87 5.62 13.40
CA LEU A 282 11.58 5.12 12.04
C LEU A 282 10.38 5.81 11.40
N GLU A 283 9.47 6.21 12.25
CA GLU A 283 8.41 7.11 11.87
C GLU A 283 8.99 8.39 11.25
N ASP A 284 10.25 8.68 11.56
CA ASP A 284 10.91 9.87 11.05
C ASP A 284 11.08 9.83 9.53
N PHE A 285 10.96 8.63 8.96
CA PHE A 285 11.13 8.44 7.52
C PHE A 285 9.82 8.30 6.75
N GLU A 286 8.70 8.35 7.46
CA GLU A 286 7.37 8.37 6.84
C GLU A 286 7.01 9.76 6.34
N PHE A 287 6.54 9.81 5.08
CA PHE A 287 6.03 11.05 4.48
C PHE A 287 4.77 10.73 3.68
N PRO A 288 3.68 11.49 3.89
CA PRO A 288 3.50 12.59 4.84
C PRO A 288 3.57 12.13 6.31
N LYS A 289 3.85 13.05 7.21
CA LYS A 289 3.78 12.75 8.63
C LYS A 289 2.32 12.72 9.02
N ASP A 290 1.95 11.87 9.96
CA ASP A 290 0.60 11.88 10.54
C ASP A 290 0.56 12.93 11.67
N GLU A 291 0.80 14.19 11.29
CA GLU A 291 0.81 15.35 12.20
C GLU A 291 -0.16 16.43 11.76
N ARG A 292 -0.81 17.04 12.74
CA ARG A 292 -1.65 18.21 12.51
C ARG A 292 -1.02 19.46 13.12
N ASN A 293 -1.38 20.62 12.59
CA ASN A 293 -0.98 21.90 13.16
C ASN A 293 -2.14 22.51 13.93
N ILE A 294 -1.83 22.97 15.13
CA ILE A 294 -2.88 23.53 15.94
C ILE A 294 -3.38 24.81 15.24
N LEU A 295 -4.68 25.07 15.44
CA LEU A 295 -5.39 26.20 14.85
C LEU A 295 -5.13 27.45 15.63
N SER A 296 -5.46 28.59 15.07
CA SER A 296 -5.26 29.84 15.80
C SER A 296 -6.26 30.03 16.96
N PHE A 297 -5.97 30.96 17.84
CA PHE A 297 -6.87 31.26 18.91
C PHE A 297 -8.17 31.76 18.31
N HIS A 298 -8.09 32.56 17.24
CA HIS A 298 -9.30 33.10 16.60
C HIS A 298 -10.25 31.98 16.27
N GLU A 299 -9.75 31.01 15.51
CA GLU A 299 -10.57 29.91 15.03
C GLU A 299 -11.25 29.11 16.12
N VAL A 300 -10.52 28.77 17.17
CA VAL A 300 -11.06 27.87 18.18
C VAL A 300 -12.18 28.56 18.92
N LYS A 301 -11.90 29.74 19.48
CA LYS A 301 -12.90 30.49 20.23
C LYS A 301 -14.21 30.66 19.47
N HIS A 302 -14.14 30.76 18.14
CA HIS A 302 -15.35 30.82 17.31
C HIS A 302 -16.21 29.60 17.54
N PHE A 303 -15.64 28.42 17.38
CA PHE A 303 -16.39 27.18 17.47
C PHE A 303 -16.94 26.97 18.91
N GLU A 304 -16.24 27.51 19.90
CA GLU A 304 -16.74 27.50 21.26
C GLU A 304 -17.95 28.42 21.39
N LYS A 305 -17.74 29.72 21.17
CA LYS A 305 -18.81 30.73 21.25
C LYS A 305 -20.10 30.26 20.55
N MET A 306 -19.95 29.49 19.47
CA MET A 306 -21.10 28.96 18.74
C MET A 306 -21.84 27.83 19.44
N LEU A 307 -21.09 26.86 19.97
CA LEU A 307 -21.68 25.66 20.57
C LEU A 307 -22.17 25.86 22.02
N LYS A 308 -21.86 27.01 22.60
CA LYS A 308 -22.23 27.34 23.99
C LYS A 308 -22.79 28.76 24.11
N VAL A 331 -28.66 25.79 13.85
CA VAL A 331 -27.99 26.25 12.65
C VAL A 331 -27.54 27.71 12.79
N LYS A 332 -26.71 27.96 13.81
CA LYS A 332 -26.28 29.33 14.13
C LYS A 332 -25.10 29.80 13.27
N LEU A 333 -25.40 30.03 11.99
CA LEU A 333 -24.47 30.65 11.04
C LEU A 333 -25.16 31.89 10.48
N SER A 334 -24.36 32.88 10.08
CA SER A 334 -24.91 34.13 9.56
C SER A 334 -25.40 33.92 8.12
N GLU A 335 -26.07 34.92 7.54
CA GLU A 335 -26.38 34.86 6.12
C GLU A 335 -25.05 34.74 5.36
N ALA A 336 -24.09 35.56 5.78
CA ALA A 336 -22.79 35.68 5.12
C ALA A 336 -22.02 34.35 5.09
N GLU A 337 -21.97 33.73 6.27
CA GLU A 337 -21.31 32.46 6.39
C GLU A 337 -22.01 31.44 5.52
N PHE A 338 -23.33 31.44 5.49
CA PHE A 338 -24.04 30.51 4.62
C PHE A 338 -23.73 30.83 3.17
N THR A 339 -23.59 32.11 2.83
CA THR A 339 -23.21 32.46 1.47
C THR A 339 -21.81 31.90 1.17
N TYR A 340 -20.88 32.02 2.11
CA TYR A 340 -19.56 31.49 1.88
C TYR A 340 -19.64 29.98 1.66
N LEU A 341 -20.37 29.30 2.53
CA LEU A 341 -20.35 27.84 2.50
C LEU A 341 -20.93 27.30 1.21
N SER A 342 -21.66 28.13 0.48
CA SER A 342 -22.46 27.64 -0.63
C SER A 342 -21.74 27.89 -1.94
N GLN A 343 -20.56 28.50 -1.85
CA GLN A 343 -19.64 28.56 -2.98
C GLN A 343 -19.30 27.13 -3.37
N TYR A 344 -19.13 26.26 -2.37
CA TYR A 344 -18.66 24.90 -2.57
C TYR A 344 -19.66 23.79 -2.23
N ILE A 345 -20.47 23.98 -1.20
CA ILE A 345 -21.30 22.89 -0.70
C ILE A 345 -22.73 22.92 -1.25
N SER A 346 -23.19 21.75 -1.70
CA SER A 346 -24.53 21.56 -2.25
C SER A 346 -25.60 22.12 -1.30
N PRO A 347 -26.57 22.90 -1.83
CA PRO A 347 -27.64 23.50 -1.00
C PRO A 347 -28.36 22.50 -0.11
N GLU A 348 -28.47 21.26 -0.60
CA GLU A 348 -29.08 20.16 0.13
C GLU A 348 -28.47 19.91 1.53
N HIS A 349 -27.21 20.32 1.74
CA HIS A 349 -26.54 20.16 3.05
C HIS A 349 -26.36 21.46 3.83
N LEU A 350 -26.98 22.54 3.36
CA LEU A 350 -26.88 23.84 4.02
C LEU A 350 -28.21 24.25 4.66
N SER A 351 -29.28 23.64 4.16
CA SER A 351 -30.64 23.89 4.61
C SER A 351 -30.83 23.37 6.01
N SER A 352 -31.71 24.02 6.77
CA SER A 352 -32.08 23.55 8.10
C SER A 352 -32.30 22.03 8.16
N LYS A 353 -33.25 21.51 7.39
CA LYS A 353 -33.59 20.09 7.43
C LYS A 353 -32.34 19.24 7.16
N GLY A 354 -31.56 19.65 6.16
CA GLY A 354 -30.37 18.93 5.79
C GLY A 354 -29.31 18.89 6.88
N ILE A 355 -29.27 19.92 7.69
CA ILE A 355 -28.32 19.95 8.81
C ILE A 355 -28.82 19.06 9.97
N GLU A 356 -30.09 19.19 10.34
CA GLU A 356 -30.63 18.33 11.39
C GLU A 356 -30.43 16.86 10.97
N LYS A 357 -30.60 16.58 9.67
CA LYS A 357 -30.48 15.21 9.18
C LYS A 357 -29.07 14.67 9.42
N LEU A 358 -28.07 15.55 9.33
CA LEU A 358 -26.68 15.13 9.45
C LEU A 358 -26.19 15.14 10.89
N GLN A 359 -26.68 16.09 11.66
CA GLN A 359 -26.40 16.12 13.08
C GLN A 359 -26.87 14.84 13.73
N LYS A 360 -28.08 14.42 13.34
CA LYS A 360 -28.69 13.19 13.85
C LYS A 360 -27.87 11.97 13.46
N GLN A 361 -27.48 11.87 12.20
CA GLN A 361 -26.65 10.76 11.72
C GLN A 361 -25.36 10.68 12.51
N PHE A 362 -24.76 11.83 12.75
CA PHE A 362 -23.45 11.83 13.37
C PHE A 362 -23.56 11.40 14.82
N VAL A 363 -24.55 11.91 15.52
CA VAL A 363 -24.69 11.54 16.92
C VAL A 363 -24.95 10.03 17.03
N GLU A 364 -25.61 9.45 16.03
CA GLU A 364 -25.98 8.03 16.09
C GLU A 364 -24.80 7.10 15.75
N ASN A 365 -24.04 7.45 14.72
CA ASN A 365 -22.98 6.58 14.18
C ASN A 365 -21.56 7.04 14.49
N SER A 366 -21.43 8.30 14.91
CA SER A 366 -20.17 9.02 14.90
C SER A 366 -19.52 8.90 13.52
N SER A 367 -20.38 8.90 12.49
CA SER A 367 -19.98 8.77 11.10
C SER A 367 -20.97 9.49 10.19
N LEU A 368 -20.44 10.22 9.20
CA LEU A 368 -21.29 10.68 8.09
C LEU A 368 -20.78 10.12 6.77
N GLN A 369 -21.70 9.70 5.93
CA GLN A 369 -21.39 9.42 4.56
C GLN A 369 -22.38 10.19 3.72
N ILE A 370 -21.92 11.33 3.20
CA ILE A 370 -22.73 12.26 2.42
C ILE A 370 -22.50 12.03 0.94
N GLU A 371 -23.56 11.87 0.18
CA GLU A 371 -23.44 11.84 -1.28
C GLU A 371 -23.71 13.24 -1.78
N SER A 372 -23.20 13.53 -2.98
CA SER A 372 -23.38 14.84 -3.57
C SER A 372 -23.10 15.94 -2.57
N PHE A 373 -21.84 16.00 -2.15
CA PHE A 373 -21.43 16.97 -1.17
C PHE A 373 -21.32 18.34 -1.79
N LEU A 374 -20.43 18.45 -2.77
CA LEU A 374 -20.23 19.72 -3.45
C LEU A 374 -21.44 20.08 -4.33
N ASN A 375 -21.67 21.37 -4.49
CA ASN A 375 -22.71 21.86 -5.39
C ASN A 375 -22.35 21.58 -6.85
N ASP A 376 -23.29 21.76 -7.75
CA ASP A 376 -23.07 21.42 -9.15
C ASP A 376 -22.04 22.31 -9.87
N ASP A 377 -21.90 23.57 -9.46
CA ASP A 377 -20.90 24.43 -10.09
C ASP A 377 -19.51 23.79 -9.88
N LYS A 378 -19.19 23.44 -8.64
CA LYS A 378 -17.90 22.88 -8.33
C LYS A 378 -17.78 21.38 -8.70
N SER A 379 -18.91 20.71 -8.84
CA SER A 379 -18.90 19.33 -9.23
C SER A 379 -18.48 19.24 -10.70
N GLU A 380 -19.05 20.12 -11.52
CA GLU A 380 -18.76 20.13 -12.94
C GLU A 380 -17.32 20.57 -13.18
N LEU A 381 -16.91 21.64 -12.50
CA LEU A 381 -15.55 22.13 -12.60
C LEU A 381 -14.53 21.01 -12.35
N LEU A 382 -14.51 20.47 -11.13
CA LEU A 382 -13.55 19.44 -10.73
C LEU A 382 -13.57 18.21 -11.64
N LYS A 383 -14.77 17.70 -11.92
CA LYS A 383 -14.87 16.56 -12.82
C LYS A 383 -14.14 16.87 -14.14
N LYS A 384 -14.44 18.01 -14.75
CA LYS A 384 -13.80 18.43 -16.00
C LYS A 384 -12.27 18.38 -15.92
N VAL A 385 -11.69 19.08 -14.96
CA VAL A 385 -10.24 19.22 -14.90
C VAL A 385 -9.61 17.89 -14.49
N ILE A 386 -10.32 17.10 -13.72
CA ILE A 386 -9.78 15.81 -13.34
C ILE A 386 -9.86 14.88 -14.54
N LYS A 387 -10.98 14.91 -15.25
CA LYS A 387 -11.12 14.11 -16.47
C LYS A 387 -10.15 14.58 -17.55
N GLN A 388 -9.79 15.85 -17.55
CA GLN A 388 -8.88 16.37 -18.57
C GLN A 388 -7.49 15.83 -18.30
N LYS A 389 -7.05 15.88 -17.05
CA LYS A 389 -5.73 15.40 -16.69
C LYS A 389 -5.56 13.88 -16.86
N GLU A 390 -6.56 13.13 -16.44
CA GLU A 390 -6.59 11.69 -16.69
C GLU A 390 -6.33 11.35 -18.14
N LEU A 391 -6.93 12.12 -19.05
CA LEU A 391 -6.99 11.75 -20.48
C LEU A 391 -5.90 12.33 -21.39
N GLU A 392 -5.27 13.44 -21.00
CA GLU A 392 -4.38 14.15 -21.91
C GLU A 392 -2.99 14.46 -21.34
N GLN A 393 -2.65 13.94 -20.16
CA GLN A 393 -1.29 14.14 -19.64
C GLN A 393 -0.65 12.84 -19.19
N GLU A 394 0.68 12.78 -19.30
CA GLU A 394 1.44 11.62 -18.83
C GLU A 394 1.58 11.71 -17.30
N CYS A 395 0.77 10.93 -16.60
CA CYS A 395 0.92 10.75 -15.17
C CYS A 395 2.29 10.09 -14.91
N PRO A 396 3.02 10.54 -13.87
CA PRO A 396 4.33 9.94 -13.59
C PRO A 396 4.19 8.57 -12.93
N TYR A 397 5.04 7.63 -13.32
CA TYR A 397 4.93 6.27 -12.81
C TYR A 397 6.24 5.83 -12.16
N HIS A 398 7.02 6.81 -11.72
CA HIS A 398 8.22 6.57 -10.97
C HIS A 398 8.44 7.81 -10.11
N SER A 399 9.00 7.67 -8.91
CA SER A 399 9.07 8.82 -7.98
C SER A 399 9.96 9.98 -8.52
N LYS A 400 11.05 9.65 -9.21
CA LYS A 400 11.92 10.63 -9.88
C LYS A 400 11.17 11.59 -10.81
N ASP A 401 10.05 11.13 -11.35
CA ASP A 401 9.31 11.84 -12.38
C ASP A 401 8.27 12.81 -11.82
N VAL A 402 8.06 12.77 -10.51
CA VAL A 402 7.01 13.55 -9.86
C VAL A 402 7.53 14.96 -9.66
N LYS A 403 6.80 15.94 -10.18
CA LYS A 403 7.24 17.34 -10.10
C LYS A 403 6.25 18.12 -9.27
N ALA A 404 6.67 19.31 -8.86
CA ALA A 404 5.84 20.17 -8.01
C ALA A 404 4.49 20.31 -8.66
N PRO A 405 3.41 20.34 -7.87
CA PRO A 405 3.32 20.41 -6.40
C PRO A 405 3.17 19.05 -5.71
N TRP A 406 3.52 17.97 -6.41
CA TRP A 406 3.25 16.63 -5.91
C TRP A 406 4.43 16.03 -5.20
N LYS A 407 4.12 15.15 -4.25
CA LYS A 407 5.09 14.37 -3.50
C LYS A 407 4.67 12.89 -3.56
N THR A 408 5.64 11.99 -3.44
CA THR A 408 5.36 10.56 -3.41
C THR A 408 5.41 10.13 -1.98
N ALA A 409 4.34 9.54 -1.49
CA ALA A 409 4.33 9.04 -0.11
C ALA A 409 5.30 7.86 0.02
N ILE A 410 6.05 7.85 1.12
CA ILE A 410 7.03 6.80 1.37
C ILE A 410 6.96 6.40 2.84
N PRO A 411 7.49 5.23 3.20
CA PRO A 411 8.12 4.20 2.37
C PRO A 411 7.11 3.18 1.87
N PRO A 412 7.41 2.51 0.75
CA PRO A 412 6.50 1.58 0.06
C PRO A 412 6.08 0.35 0.84
N HIS A 413 6.69 0.07 1.99
CA HIS A 413 6.19 -1.04 2.80
C HIS A 413 5.15 -0.52 3.78
N LYS A 414 4.85 0.78 3.70
CA LYS A 414 3.82 1.40 4.51
C LYS A 414 2.73 1.99 3.64
N ALA A 415 3.13 2.70 2.58
CA ALA A 415 2.22 3.22 1.55
C ALA A 415 2.94 3.75 0.31
N ARG A 416 2.16 3.99 -0.74
CA ARG A 416 2.63 4.65 -1.95
C ARG A 416 1.44 5.37 -2.56
N TYR A 417 1.53 6.69 -2.70
CA TYR A 417 0.55 7.52 -3.42
C TYR A 417 1.13 8.90 -3.74
N LEU A 418 0.47 9.60 -4.67
CA LEU A 418 0.83 10.99 -4.98
C LEU A 418 0.00 11.99 -4.17
N TYR A 419 0.64 13.03 -3.66
CA TYR A 419 -0.08 14.00 -2.84
C TYR A 419 0.44 15.41 -2.88
N ILE A 420 -0.48 16.33 -2.61
CA ILE A 420 -0.16 17.74 -2.38
C ILE A 420 -0.40 18.07 -0.89
N ASP A 421 0.66 18.47 -0.19
CA ASP A 421 0.55 18.88 1.20
C ASP A 421 0.83 20.37 1.41
N GLY A 422 0.95 21.14 0.34
CA GLY A 422 1.23 22.55 0.48
C GLY A 422 2.58 22.93 1.08
N LYS A 423 3.44 21.95 1.40
CA LYS A 423 4.79 22.25 1.89
C LYS A 423 5.73 22.51 0.72
N GLU A 424 6.95 22.91 1.02
CA GLU A 424 7.94 23.07 -0.04
C GLU A 424 8.26 21.69 -0.66
N TYR A 425 8.65 21.70 -1.93
CA TYR A 425 8.77 20.48 -2.71
C TYR A 425 9.92 19.58 -2.28
N ARG A 426 9.58 18.32 -2.06
CA ARG A 426 10.58 17.29 -1.78
C ARG A 426 10.52 16.25 -2.88
N ASN A 427 11.68 15.74 -3.28
CA ASN A 427 11.75 14.48 -4.00
C ASN A 427 12.83 13.64 -3.37
N PHE A 428 12.47 12.45 -2.89
CA PHE A 428 13.37 11.63 -2.07
C PHE A 428 14.02 10.43 -2.78
N GLN A 429 15.16 10.69 -3.44
CA GLN A 429 15.93 9.63 -4.07
C GLN A 429 17.15 9.19 -3.22
N THR A 430 17.51 9.98 -2.24
CA THR A 430 18.71 9.73 -1.47
C THR A 430 18.53 10.03 0.01
N GLU A 431 19.43 9.50 0.82
CA GLU A 431 19.45 9.80 2.23
C GLU A 431 19.50 11.32 2.49
N ALA A 432 20.39 11.99 1.76
CA ALA A 432 20.56 13.43 1.89
C ALA A 432 19.26 14.18 1.61
N ASP A 433 18.41 13.64 0.73
CA ASP A 433 17.12 14.25 0.46
C ASP A 433 16.23 14.10 1.70
N ILE A 434 16.23 12.93 2.32
CA ILE A 434 15.40 12.76 3.50
C ILE A 434 15.96 13.59 4.66
N LEU A 435 17.28 13.58 4.84
CA LEU A 435 17.87 14.30 5.97
C LEU A 435 17.82 15.81 5.83
N GLU A 436 17.86 16.32 4.61
CA GLU A 436 17.73 17.76 4.40
C GLU A 436 16.35 18.23 4.85
N ALA A 437 15.35 17.37 4.73
CA ALA A 437 13.99 17.74 5.06
C ALA A 437 13.73 17.63 6.54
N LEU A 438 14.43 16.71 7.19
CA LEU A 438 14.19 16.49 8.60
C LEU A 438 14.81 17.61 9.41
N ASN A 439 15.97 18.09 8.96
CA ASN A 439 16.66 19.25 9.55
C ASN A 439 15.96 20.61 9.22
N ASN A 440 14.96 20.57 8.34
CA ASN A 440 14.30 21.80 7.89
C ASN A 440 12.82 21.57 7.74
N ASN A 441 12.17 21.29 8.85
CA ASN A 441 10.74 21.03 8.82
C ASN A 441 10.10 22.34 8.43
N ASP A 442 9.10 22.26 7.58
CA ASP A 442 8.44 23.43 7.04
C ASP A 442 6.96 23.14 7.03
N LEU A 443 6.14 24.19 6.99
CA LEU A 443 4.70 24.01 7.10
C LEU A 443 3.95 24.24 5.78
N PRO A 444 2.73 23.74 5.69
CA PRO A 444 1.93 23.99 4.48
C PRO A 444 1.58 25.46 4.22
N ASN A 445 1.52 25.82 2.95
CA ASN A 445 0.97 27.10 2.51
C ASN A 445 0.43 26.95 1.08
N PHE A 446 -0.90 26.81 0.98
CA PHE A 446 -1.51 26.44 -0.30
C PHE A 446 -1.49 27.61 -1.24
N GLN A 447 -1.68 28.81 -0.69
CA GLN A 447 -1.74 29.97 -1.55
C GLN A 447 -0.39 30.21 -2.16
N PHE A 448 0.67 29.91 -1.43
CA PHE A 448 2.03 30.05 -1.97
C PHE A 448 2.24 28.91 -2.97
N THR A 449 1.62 27.76 -2.74
CA THR A 449 1.77 26.64 -3.67
C THR A 449 1.14 27.00 -5.01
N LYS A 450 -0.05 27.61 -4.97
CA LYS A 450 -0.69 28.17 -6.17
C LYS A 450 0.19 29.18 -6.90
N ASP A 451 0.75 30.12 -6.13
CA ASP A 451 1.72 31.06 -6.66
C ASP A 451 2.79 30.31 -7.48
N ALA A 452 3.40 29.28 -6.87
CA ALA A 452 4.51 28.56 -7.48
C ALA A 452 4.12 27.93 -8.81
N ILE A 453 2.96 27.28 -8.79
CA ILE A 453 2.44 26.61 -9.97
C ILE A 453 2.20 27.57 -11.15
N LYS A 454 1.47 28.66 -10.96
CA LYS A 454 1.18 29.60 -12.05
C LYS A 454 2.46 30.07 -12.73
N ILE A 455 3.49 30.29 -11.94
CA ILE A 455 4.76 30.78 -12.48
C ILE A 455 5.49 29.71 -13.33
N ILE A 456 5.36 28.44 -12.95
CA ILE A 456 5.79 27.32 -13.77
C ILE A 456 4.85 27.17 -14.97
N SER A 457 3.56 27.35 -14.72
CA SER A 457 2.53 27.14 -15.74
C SER A 457 2.43 28.28 -16.78
N ASP A 458 3.19 29.35 -16.55
CA ASP A 458 3.27 30.45 -17.53
C ASP A 458 4.46 30.21 -18.45
N ALA A 459 5.57 29.75 -17.86
CA ALA A 459 6.77 29.46 -18.63
C ALA A 459 6.46 28.47 -19.73
N SER A 460 6.09 27.24 -19.38
CA SER A 460 5.81 26.18 -20.36
C SER A 460 4.64 26.57 -21.31
N GLY A 461 3.53 27.05 -20.75
CA GLY A 461 2.49 27.68 -21.54
C GLY A 461 1.04 27.24 -21.37
N ASN A 462 0.75 26.37 -20.40
CA ASN A 462 -0.61 25.84 -20.24
C ASN A 462 -1.09 25.12 -21.51
N SER A 463 -0.39 24.03 -21.84
CA SER A 463 -0.78 23.17 -22.96
C SER A 463 -1.95 22.27 -22.56
N ARG A 464 -2.58 21.61 -23.53
CA ARG A 464 -3.56 20.58 -23.21
C ARG A 464 -2.86 19.50 -22.34
N GLU A 465 -1.53 19.41 -22.47
CA GLU A 465 -0.73 18.33 -21.92
C GLU A 465 0.03 18.69 -20.64
N ASN A 466 0.27 19.97 -20.41
CA ASN A 466 1.15 20.41 -19.32
C ASN A 466 0.47 21.24 -18.25
N ASN A 467 -0.82 21.51 -18.40
CA ASN A 467 -1.47 22.50 -17.55
C ASN A 467 -1.76 21.97 -16.17
N PHE A 468 -1.92 22.90 -15.22
CA PHE A 468 -2.10 22.57 -13.82
C PHE A 468 -3.54 22.82 -13.33
N ASP A 469 -4.52 22.76 -14.22
CA ASP A 469 -5.91 23.09 -13.86
C ASP A 469 -6.47 22.26 -12.73
N ALA A 470 -6.14 20.97 -12.71
CA ALA A 470 -6.63 20.08 -11.68
C ALA A 470 -6.05 20.51 -10.32
N GLU A 471 -4.73 20.55 -10.24
CA GLU A 471 -4.05 21.01 -9.02
C GLU A 471 -4.59 22.36 -8.52
N LEU A 472 -4.84 23.31 -9.42
CA LEU A 472 -5.37 24.59 -8.98
C LEU A 472 -6.81 24.53 -8.47
N ALA A 473 -7.68 23.74 -9.11
CA ALA A 473 -9.04 23.58 -8.60
C ALA A 473 -9.04 22.88 -7.25
N LEU A 474 -8.12 21.94 -7.07
CA LEU A 474 -8.09 21.10 -5.88
C LEU A 474 -7.49 21.87 -4.73
N ILE A 475 -6.46 22.65 -5.01
CA ILE A 475 -5.91 23.52 -4.00
C ILE A 475 -7.00 24.49 -3.56
N ASP A 476 -7.76 25.02 -4.51
CA ASP A 476 -8.86 25.93 -4.16
C ASP A 476 -9.85 25.21 -3.28
N LEU A 477 -10.11 23.94 -3.58
CA LEU A 477 -10.98 23.15 -2.72
C LEU A 477 -10.39 22.95 -1.32
N ALA A 478 -9.08 22.79 -1.24
CA ALA A 478 -8.43 22.63 0.04
C ALA A 478 -8.46 23.92 0.83
N VAL A 479 -8.33 25.04 0.14
CA VAL A 479 -8.38 26.34 0.82
C VAL A 479 -9.79 26.59 1.41
N PHE A 480 -10.83 26.23 0.65
CA PHE A 480 -12.17 26.23 1.21
C PHE A 480 -12.22 25.51 2.53
N HIS A 481 -11.82 24.24 2.49
CA HIS A 481 -11.91 23.38 3.64
C HIS A 481 -10.99 23.84 4.75
N LYS A 482 -10.02 24.69 4.43
CA LYS A 482 -9.09 25.23 5.42
C LYS A 482 -9.73 26.41 6.14
N SER A 483 -10.74 26.99 5.52
CA SER A 483 -11.37 28.21 6.02
C SER A 483 -11.90 28.09 7.44
N THR A 484 -11.99 29.23 8.12
CA THR A 484 -12.60 29.30 9.44
C THR A 484 -14.05 28.81 9.36
N ILE A 485 -14.75 29.28 8.33
CA ILE A 485 -16.18 29.09 8.23
C ILE A 485 -16.53 27.62 8.01
N PHE A 486 -15.79 26.94 7.16
CA PHE A 486 -16.07 25.53 7.00
C PHE A 486 -15.92 24.80 8.30
N LYS A 487 -14.83 25.08 9.02
CA LYS A 487 -14.62 24.49 10.33
C LYS A 487 -15.71 24.87 11.34
N LYS A 488 -16.44 25.97 11.09
CA LYS A 488 -17.63 26.30 11.88
C LYS A 488 -18.74 25.37 11.47
N TYR A 489 -18.96 25.28 10.17
CA TYR A 489 -19.98 24.38 9.65
C TYR A 489 -19.75 22.95 10.12
N LEU A 490 -18.48 22.55 10.14
CA LEU A 490 -18.08 21.23 10.60
C LEU A 490 -18.48 21.03 12.06
N ALA A 491 -18.05 21.97 12.90
CA ALA A 491 -18.35 21.92 14.33
C ALA A 491 -19.84 21.93 14.55
N LEU A 492 -20.58 22.55 13.65
CA LEU A 492 -22.02 22.55 13.75
C LEU A 492 -22.55 21.15 13.49
N LEU A 493 -22.12 20.53 12.39
CA LEU A 493 -22.53 19.17 12.08
C LEU A 493 -22.28 18.17 13.22
N THR A 494 -21.12 18.27 13.86
CA THR A 494 -20.62 17.26 14.79
C THR A 494 -20.74 17.64 16.24
N SER A 495 -20.85 18.93 16.48
CA SER A 495 -20.79 19.50 17.83
C SER A 495 -19.44 19.23 18.49
N LEU A 496 -18.37 19.37 17.70
CA LEU A 496 -16.99 19.27 18.18
C LEU A 496 -16.17 20.50 17.75
N CYS A 497 -15.22 20.93 18.56
CA CYS A 497 -14.38 22.07 18.21
C CYS A 497 -13.07 21.52 17.72
N PRO A 498 -12.80 21.65 16.41
CA PRO A 498 -11.46 21.35 15.92
C PRO A 498 -10.47 22.30 16.52
N VAL A 499 -9.28 21.78 16.81
CA VAL A 499 -8.18 22.55 17.38
C VAL A 499 -6.93 22.41 16.54
N SER A 500 -6.99 21.50 15.57
CA SER A 500 -5.85 21.22 14.71
C SER A 500 -6.34 20.78 13.34
N GLU A 501 -5.47 20.85 12.34
CA GLU A 501 -5.81 20.35 11.02
C GLU A 501 -4.59 19.78 10.31
N GLN A 502 -4.84 18.82 9.43
CA GLN A 502 -3.94 18.48 8.34
C GLN A 502 -4.76 18.15 7.12
N ILE A 503 -4.41 18.78 6.01
CA ILE A 503 -5.15 18.59 4.76
C ILE A 503 -4.24 18.11 3.63
N LEU A 504 -4.70 17.10 2.92
CA LEU A 504 -3.98 16.56 1.78
C LEU A 504 -4.88 16.36 0.56
N ILE A 505 -4.31 16.61 -0.62
CA ILE A 505 -4.89 16.16 -1.86
C ILE A 505 -4.15 14.86 -2.22
N ARG A 506 -4.91 13.82 -2.55
CA ARG A 506 -4.31 12.51 -2.82
C ARG A 506 -4.78 12.00 -4.15
N ARG A 507 -3.82 11.41 -4.87
CA ARG A 507 -4.10 10.71 -6.11
C ARG A 507 -3.48 9.33 -6.04
N PHE A 508 -4.32 8.29 -6.17
CA PHE A 508 -3.87 6.89 -6.17
C PHE A 508 -3.89 6.32 -7.59
N ARG A 509 -2.70 6.09 -8.16
CA ARG A 509 -2.55 5.64 -9.54
C ARG A 509 -2.86 4.15 -9.78
N PRO A 510 -3.54 3.83 -10.91
CA PRO A 510 -3.73 2.40 -11.21
C PRO A 510 -2.42 1.59 -11.25
N GLY A 511 -2.41 0.47 -10.53
CA GLY A 511 -1.24 -0.41 -10.51
C GLY A 511 -0.08 0.01 -9.62
N MET A 512 -0.26 1.03 -8.77
CA MET A 512 0.87 1.54 -7.97
C MET A 512 0.58 1.97 -6.55
N ASP A 513 -0.61 2.52 -6.29
CA ASP A 513 -0.86 3.23 -5.05
C ASP A 513 -1.88 2.58 -4.10
N PHE A 514 -1.56 2.69 -2.82
CA PHE A 514 -2.27 2.01 -1.76
C PHE A 514 -1.85 2.65 -0.44
N THR A 515 -2.68 2.51 0.59
CA THR A 515 -2.18 2.60 1.95
C THR A 515 -2.53 1.30 2.64
N LEU A 516 -2.01 1.16 3.87
CA LEU A 516 -2.16 -0.06 4.64
C LEU A 516 -2.83 0.25 5.97
N ALA A 517 -3.40 -0.79 6.58
CA ALA A 517 -4.30 -0.66 7.72
C ALA A 517 -3.58 -0.18 9.00
N THR A 518 -3.78 1.10 9.30
CA THR A 518 -3.17 1.77 10.46
C THR A 518 -4.18 2.47 11.35
N LYS A 519 -3.76 2.76 12.58
CA LYS A 519 -4.58 3.50 13.54
C LYS A 519 -4.33 4.99 13.38
N CYS A 520 -5.25 5.81 13.89
CA CYS A 520 -4.99 7.23 13.98
C CYS A 520 -3.79 7.46 14.90
N ARG A 521 -3.22 8.67 14.83
CA ARG A 521 -2.07 9.05 15.63
C ARG A 521 -2.32 10.26 16.53
N PHE A 522 -2.60 10.00 17.80
CA PHE A 522 -2.87 11.05 18.78
C PHE A 522 -1.69 12.03 18.86
N ASN A 523 -1.99 13.30 19.09
CA ASN A 523 -0.94 14.27 19.34
C ASN A 523 -0.44 14.15 20.77
N GLU A 524 0.86 13.87 20.92
CA GLU A 524 1.43 13.50 22.23
C GLU A 524 1.34 14.66 23.20
N LEU A 525 1.41 15.87 22.66
CA LEU A 525 1.42 17.08 23.46
C LEU A 525 0.06 17.35 24.09
N LEU A 526 -1.00 16.88 23.42
CA LEU A 526 -2.38 17.09 23.86
C LEU A 526 -2.99 15.85 24.55
N LYS A 527 -2.14 14.87 24.88
CA LYS A 527 -2.63 13.68 25.55
C LYS A 527 -3.10 14.04 26.95
N SER A 528 -2.37 14.94 27.61
CA SER A 528 -2.66 15.32 28.98
C SER A 528 -3.81 16.32 29.11
N ASN A 529 -4.53 16.54 28.01
CA ASN A 529 -5.61 17.52 27.99
C ASN A 529 -7.00 16.90 28.18
N PRO A 530 -7.74 17.32 29.22
CA PRO A 530 -9.01 16.66 29.52
C PRO A 530 -10.12 17.07 28.56
N ASP A 531 -9.97 18.25 27.95
CA ASP A 531 -10.99 18.80 27.08
C ASP A 531 -10.92 18.19 25.66
N ILE A 532 -9.75 17.65 25.29
CA ILE A 532 -9.58 17.09 23.94
C ILE A 532 -9.93 15.61 23.90
N ILE A 533 -10.87 15.28 23.02
CA ILE A 533 -11.40 13.92 22.89
C ILE A 533 -10.30 12.96 22.49
N ASP A 534 -10.20 11.79 23.14
CA ASP A 534 -9.23 10.76 22.73
C ASP A 534 -9.69 10.09 21.43
N ALA A 535 -9.65 10.90 20.38
CA ALA A 535 -10.12 10.50 19.06
C ALA A 535 -9.49 11.38 17.98
N VAL A 536 -9.67 11.00 16.74
CA VAL A 536 -9.26 11.87 15.66
C VAL A 536 -10.42 11.96 14.71
N LEU A 537 -10.78 13.18 14.35
CA LEU A 537 -11.81 13.40 13.36
C LEU A 537 -11.14 13.40 12.00
N GLU A 538 -11.61 12.52 11.14
CA GLU A 538 -10.99 12.29 9.85
C GLU A 538 -12.05 12.42 8.77
N GLY A 539 -11.68 13.09 7.68
CA GLY A 539 -12.61 13.37 6.61
C GLY A 539 -12.02 13.00 5.28
N THR A 540 -12.89 12.55 4.38
CA THR A 540 -12.47 12.08 3.06
C THR A 540 -13.51 12.49 2.02
N LEU A 541 -13.09 13.41 1.15
CA LEU A 541 -13.91 13.88 0.05
C LEU A 541 -13.44 13.21 -1.22
N CYS A 542 -14.19 12.24 -1.72
CA CYS A 542 -13.72 11.45 -2.86
C CYS A 542 -14.18 12.07 -4.17
N LEU A 543 -13.23 12.24 -5.09
CA LEU A 543 -13.45 12.90 -6.37
C LEU A 543 -12.95 12.06 -7.55
N THR A 544 -13.48 10.85 -7.62
CA THR A 544 -13.07 9.87 -8.62
C THR A 544 -14.18 9.74 -9.65
N PRO A 545 -13.89 10.06 -10.92
CA PRO A 545 -14.99 10.21 -11.88
C PRO A 545 -15.21 9.01 -12.77
N SER A 546 -14.56 7.89 -12.52
CA SER A 546 -14.65 6.76 -13.44
C SER A 546 -15.62 5.69 -12.92
N ALA A 547 -15.94 4.73 -13.79
CA ALA A 547 -16.88 3.65 -13.47
C ALA A 547 -16.20 2.32 -13.12
N GLY A 548 -16.97 1.38 -12.59
CA GLY A 548 -16.48 0.02 -12.37
C GLY A 548 -15.82 -0.31 -11.02
N TRP A 549 -15.94 0.57 -10.02
CA TRP A 549 -15.26 0.38 -8.73
C TRP A 549 -16.08 -0.45 -7.77
N GLU A 550 -17.25 -0.86 -8.22
CA GLU A 550 -18.41 -0.95 -7.34
C GLU A 550 -18.37 -2.26 -6.58
N SER A 551 -17.69 -3.23 -7.20
CA SER A 551 -17.52 -4.58 -6.63
C SER A 551 -16.39 -4.69 -5.58
N GLY A 552 -15.47 -3.72 -5.58
CA GLY A 552 -14.22 -3.82 -4.83
C GLY A 552 -13.05 -4.33 -5.69
N GLU A 553 -13.41 -5.09 -6.72
CA GLU A 553 -12.47 -5.73 -7.67
C GLU A 553 -11.32 -4.87 -8.18
N LEU A 554 -11.55 -3.58 -8.34
CA LEU A 554 -10.50 -2.69 -8.84
C LEU A 554 -9.74 -2.04 -7.71
N GLY A 555 -10.22 -2.24 -6.47
CA GLY A 555 -9.58 -1.67 -5.31
C GLY A 555 -9.95 -0.21 -5.19
N GLY A 556 -9.08 0.58 -4.55
CA GLY A 556 -9.32 2.00 -4.41
C GLY A 556 -10.28 2.32 -3.29
N TYR A 557 -10.96 1.29 -2.76
CA TYR A 557 -11.99 1.51 -1.76
C TYR A 557 -11.42 1.99 -0.40
N GLU A 558 -12.15 2.91 0.22
CA GLU A 558 -11.85 3.35 1.58
C GLU A 558 -12.45 2.37 2.58
N LEU A 559 -11.58 1.82 3.43
CA LEU A 559 -11.95 0.76 4.35
C LEU A 559 -11.70 1.21 5.78
N TYR A 560 -12.80 1.37 6.53
CA TYR A 560 -12.73 1.56 7.99
C TYR A 560 -13.24 0.30 8.70
N MET A 561 -12.41 -0.24 9.58
CA MET A 561 -12.74 -1.48 10.30
C MET A 561 -12.19 -1.39 11.71
N MET A 562 -12.57 -2.34 12.57
CA MET A 562 -12.14 -2.29 13.95
C MET A 562 -11.09 -3.35 14.31
N ASP A 563 -10.45 -3.14 15.44
CA ASP A 563 -9.26 -3.87 15.83
C ASP A 563 -9.60 -5.18 16.59
N SER A 590 -17.80 -6.38 11.55
CA SER A 590 -16.62 -5.72 12.14
C SER A 590 -16.11 -4.52 11.31
N VAL A 591 -16.64 -4.38 10.10
CA VAL A 591 -16.20 -3.32 9.18
C VAL A 591 -17.16 -2.11 9.18
N LEU A 592 -16.66 -0.95 9.55
CA LEU A 592 -17.51 0.21 9.71
C LEU A 592 -17.98 0.83 8.38
N ILE A 593 -17.05 0.92 7.44
CA ILE A 593 -17.29 1.54 6.14
C ILE A 593 -16.51 0.70 5.11
N ASN A 594 -17.07 0.58 3.90
CA ASN A 594 -16.38 -0.02 2.77
C ASN A 594 -16.85 0.65 1.49
N ASP A 595 -16.33 1.84 1.20
CA ASP A 595 -16.75 2.65 0.07
C ASP A 595 -15.79 2.63 -1.09
N PRO A 596 -16.12 1.89 -2.15
CA PRO A 596 -15.35 2.08 -3.39
C PRO A 596 -15.31 3.54 -3.78
N PRO A 597 -14.33 3.94 -4.62
CA PRO A 597 -14.24 5.35 -5.04
C PRO A 597 -15.47 5.79 -5.78
N ALA A 598 -15.90 7.02 -5.52
CA ALA A 598 -17.12 7.56 -6.14
C ALA A 598 -16.97 9.07 -6.30
N TRP A 599 -17.92 9.68 -6.98
CA TRP A 599 -17.80 11.08 -7.33
C TRP A 599 -18.46 12.02 -6.32
N ASN A 600 -17.71 12.98 -5.82
CA ASN A 600 -18.30 14.00 -4.97
C ASN A 600 -19.04 13.40 -3.78
N THR A 601 -18.35 12.55 -3.01
CA THR A 601 -18.86 12.06 -1.72
C THR A 601 -18.02 12.65 -0.63
N PHE A 602 -18.56 12.67 0.59
CA PHE A 602 -17.80 13.09 1.75
C PHE A 602 -18.09 12.18 2.93
N ASN A 603 -17.08 11.40 3.33
CA ASN A 603 -17.15 10.56 4.52
C ASN A 603 -16.46 11.28 5.66
N LEU A 604 -17.01 11.08 6.85
CA LEU A 604 -16.52 11.76 8.04
C LEU A 604 -16.61 10.74 9.14
N VAL A 605 -15.50 10.53 9.85
CA VAL A 605 -15.43 9.54 10.93
C VAL A 605 -14.65 10.02 12.16
N LEU A 606 -15.19 9.76 13.34
CA LEU A 606 -14.46 10.02 14.57
C LEU A 606 -13.79 8.70 14.97
N ARG A 607 -12.46 8.63 14.78
CA ARG A 607 -11.66 7.45 15.13
C ARG A 607 -11.19 7.50 16.58
N ASP A 608 -11.42 6.42 17.32
CA ASP A 608 -10.84 6.26 18.66
C ASP A 608 -9.51 5.54 18.51
N GLU A 609 -8.82 5.25 19.61
CA GLU A 609 -7.47 4.67 19.57
C GLU A 609 -7.35 3.47 18.63
N SER A 610 -8.43 2.70 18.45
CA SER A 610 -8.31 1.38 17.84
C SER A 610 -8.78 1.21 16.39
N VAL A 611 -9.49 2.18 15.81
CA VAL A 611 -9.99 2.02 14.44
C VAL A 611 -8.89 2.00 13.39
N LEU A 612 -8.94 1.01 12.51
CA LEU A 612 -7.99 0.90 11.40
C LEU A 612 -8.59 1.50 10.12
N GLU A 613 -7.75 2.15 9.32
CA GLU A 613 -8.14 2.64 7.99
C GLU A 613 -7.10 2.31 6.90
N PHE A 614 -7.57 2.15 5.66
CA PHE A 614 -6.68 2.10 4.49
C PHE A 614 -7.50 2.25 3.22
N VAL A 615 -6.87 2.84 2.19
CA VAL A 615 -7.39 2.87 0.84
C VAL A 615 -6.71 1.69 0.18
N LYS A 616 -7.49 0.77 -0.38
CA LYS A 616 -6.93 -0.45 -0.97
C LYS A 616 -6.09 -0.17 -2.21
N TYR A 617 -5.09 -1.01 -2.47
CA TYR A 617 -4.35 -0.94 -3.73
C TYR A 617 -5.27 -0.81 -4.93
N VAL A 618 -4.96 0.13 -5.82
CA VAL A 618 -5.74 0.33 -7.04
C VAL A 618 -5.27 -0.59 -8.19
N SER A 619 -6.18 -1.35 -8.77
CA SER A 619 -5.78 -2.25 -9.88
C SER A 619 -5.18 -1.49 -11.08
N TRP A 620 -4.27 -2.13 -11.82
CA TRP A 620 -3.75 -1.59 -13.07
CA TRP A 620 -3.75 -1.57 -13.08
C TRP A 620 -4.87 -1.37 -14.08
N SER A 621 -5.95 -2.13 -13.91
CA SER A 621 -7.07 -2.17 -14.87
C SER A 621 -8.16 -1.17 -14.53
N ALA A 622 -7.93 -0.40 -13.47
CA ALA A 622 -8.81 0.68 -13.12
C ALA A 622 -8.78 1.74 -14.22
N LYS A 623 -9.92 2.38 -14.44
CA LYS A 623 -10.11 3.26 -15.59
C LYS A 623 -9.72 4.69 -15.28
N SER A 624 -9.40 4.94 -14.02
CA SER A 624 -8.78 6.21 -13.62
C SER A 624 -8.07 6.03 -12.27
N SER A 625 -7.35 7.07 -11.86
CA SER A 625 -6.90 7.16 -10.49
C SER A 625 -8.08 7.37 -9.55
N ARG A 626 -7.84 7.12 -8.27
CA ARG A 626 -8.71 7.61 -7.24
C ARG A 626 -8.18 8.98 -6.83
N TRP A 627 -9.01 10.01 -6.93
CA TRP A 627 -8.65 11.34 -6.46
C TRP A 627 -9.44 11.63 -5.18
N ASP A 628 -8.83 12.24 -4.17
CA ASP A 628 -9.61 12.65 -3.02
C ASP A 628 -8.93 13.74 -2.20
N VAL A 629 -9.63 14.21 -1.17
CA VAL A 629 -9.09 15.17 -0.23
C VAL A 629 -9.18 14.63 1.19
N LYS A 630 -8.02 14.31 1.77
CA LYS A 630 -7.94 13.81 3.14
C LYS A 630 -7.82 14.94 4.17
N MET A 631 -8.65 14.90 5.23
CA MET A 631 -8.66 15.96 6.28
C MET A 631 -8.66 15.35 7.65
N LYS A 632 -7.70 15.73 8.50
CA LYS A 632 -7.67 15.20 9.87
C LYS A 632 -7.61 16.34 10.88
N TRP A 633 -8.43 16.23 11.92
CA TRP A 633 -8.52 17.24 12.97
C TRP A 633 -8.55 16.61 14.37
N ASP A 634 -7.76 17.16 15.30
CA ASP A 634 -8.02 16.93 16.73
C ASP A 634 -9.22 17.75 17.12
N VAL A 635 -10.01 17.25 18.05
CA VAL A 635 -11.26 17.89 18.41
C VAL A 635 -11.40 17.99 19.93
N LYS A 636 -12.24 18.92 20.38
CA LYS A 636 -12.55 19.03 21.79
C LYS A 636 -14.04 19.31 21.92
N SER A 637 -14.66 18.86 23.01
CA SER A 637 -16.13 18.95 23.18
C SER A 637 -16.59 20.26 23.83
N CYS A 638 -17.78 20.69 23.44
CA CYS A 638 -18.35 21.96 23.91
C CYS A 638 -19.86 21.86 24.20
#